data_5J8O
#
_entry.id   5J8O
#
_cell.length_a   34.313
_cell.length_b   55.182
_cell.length_c   141.773
_cell.angle_alpha   90.000
_cell.angle_beta   90.000
_cell.angle_gamma   90.000
#
_symmetry.space_group_name_H-M   'P 2 21 21'
#
loop_
_entity.id
_entity.type
_entity.pdbx_description
1 polymer 'Programmed cell death 1 ligand 1'
2 non-polymer "(2R)-1-({3-bromo-4-[(2-methyl[1,1'-biphenyl]-3-yl)methoxy]phenyl}methyl)piperidine-2-carboxylic acid"
3 water water
#
_entity_poly.entity_id   1
_entity_poly.type   'polypeptide(L)'
_entity_poly.pdbx_seq_one_letter_code
;AFTVTVPKDLYVVEYGSNMTIECKFPVEKQLDLAALIVYWEMEDKNIIQFVHGEEDLKVQHSSYRQRARLLKDQLSLGNA
ALQITDVKLQDAGVYRCMISYGGADYKRITVKVNAPYAAALEHH
;
_entity_poly.pdbx_strand_id   A,B
#
# COMPACT_ATOMS: atom_id res chain seq x y z
N ALA A 1 -18.66 -1.42 -7.50
CA ALA A 1 -17.16 -1.59 -7.50
C ALA A 1 -16.51 -0.86 -6.31
N PHE A 2 -15.80 -1.62 -5.47
CA PHE A 2 -15.14 -1.09 -4.25
C PHE A 2 -13.95 -0.20 -4.59
N THR A 3 -14.02 1.07 -4.19
CA THR A 3 -12.89 1.94 -4.21
C THR A 3 -12.84 2.71 -2.93
N VAL A 4 -11.64 3.20 -2.58
CA VAL A 4 -11.44 4.11 -1.48
C VAL A 4 -11.25 5.44 -2.17
N THR A 5 -11.82 6.50 -1.61
CA THR A 5 -11.67 7.84 -2.15
C THR A 5 -11.24 8.77 -1.02
N VAL A 6 -10.51 9.81 -1.41
CA VAL A 6 -10.15 10.87 -0.49
C VAL A 6 -10.74 12.14 -1.09
N PRO A 7 -11.44 12.95 -0.27
CA PRO A 7 -11.90 14.27 -0.73
C PRO A 7 -10.74 15.28 -0.86
N LYS A 8 -9.63 15.00 -0.17
CA LYS A 8 -8.39 15.78 -0.25
C LYS A 8 -7.20 14.83 -0.22
N ASP A 9 -6.48 14.76 -1.33
CA ASP A 9 -5.21 14.04 -1.40
C ASP A 9 -4.01 14.88 -0.92
N LEU A 10 -4.26 16.13 -0.54
CA LEU A 10 -3.26 16.98 0.09
C LEU A 10 -3.86 17.75 1.27
N TYR A 11 -3.11 17.84 2.38
CA TYR A 11 -3.41 18.72 3.52
C TYR A 11 -2.18 19.59 3.80
N VAL A 12 -2.42 20.87 3.99
CA VAL A 12 -1.45 21.80 4.50
C VAL A 12 -1.97 22.12 5.87
N VAL A 13 -1.10 21.99 6.88
CA VAL A 13 -1.45 22.22 8.26
C VAL A 13 -0.29 22.91 8.99
N GLU A 14 -0.64 23.62 10.06
CA GLU A 14 0.30 24.34 10.87
C GLU A 14 0.84 23.46 11.95
N TYR A 15 2.14 23.58 12.23
CA TYR A 15 2.81 22.94 13.37
C TYR A 15 2.00 23.13 14.64
N GLY A 16 1.85 22.06 15.42
CA GLY A 16 1.16 22.07 16.73
C GLY A 16 -0.34 21.87 16.70
N SER A 17 -0.96 22.10 15.56
CA SER A 17 -2.37 22.02 15.43
C SER A 17 -2.77 20.52 15.44
N ASN A 18 -4.04 20.21 15.25
CA ASN A 18 -4.44 18.83 15.06
C ASN A 18 -4.97 18.64 13.64
N MET A 19 -4.79 17.46 13.06
CA MET A 19 -5.37 17.18 11.75
C MET A 19 -6.13 15.90 11.78
N THR A 20 -7.11 15.82 10.88
CA THR A 20 -7.89 14.67 10.64
C THR A 20 -7.84 14.46 9.14
N ILE A 21 -7.35 13.31 8.72
CA ILE A 21 -7.26 12.97 7.30
C ILE A 21 -8.21 11.83 7.10
N GLU A 22 -8.88 11.81 5.95
CA GLU A 22 -10.06 11.00 5.74
C GLU A 22 -9.96 10.17 4.50
N CYS A 23 -10.29 8.87 4.63
CA CYS A 23 -10.50 7.99 3.47
C CYS A 23 -11.92 7.55 3.56
N LYS A 24 -12.58 7.49 2.41
CA LYS A 24 -13.98 7.14 2.36
C LYS A 24 -14.05 5.82 1.72
N PHE A 25 -14.87 4.94 2.27
CA PHE A 25 -15.20 3.67 1.60
C PHE A 25 -16.72 3.41 1.73
N PRO A 26 -17.32 2.68 0.78
CA PRO A 26 -18.75 2.47 0.83
C PRO A 26 -19.26 1.63 2.02
N VAL A 27 -20.19 2.22 2.78
CA VAL A 27 -20.98 1.50 3.78
C VAL A 27 -22.45 1.87 3.50
N GLU A 28 -23.21 0.88 2.99
CA GLU A 28 -24.62 1.02 2.67
C GLU A 28 -25.56 0.65 3.83
N LYS A 29 -25.08 -0.12 4.80
CA LYS A 29 -25.91 -0.63 5.93
C LYS A 29 -25.06 -0.84 7.19
N GLN A 30 -25.61 -1.43 8.26
CA GLN A 30 -24.83 -1.82 9.45
C GLN A 30 -23.40 -2.26 9.03
N LEU A 31 -22.41 -1.65 9.68
CA LEU A 31 -21.04 -1.96 9.42
C LEU A 31 -20.78 -3.36 9.97
N ASP A 32 -20.28 -4.25 9.12
CA ASP A 32 -19.86 -5.58 9.57
C ASP A 32 -18.34 -5.53 9.86
N LEU A 33 -17.99 -5.20 11.11
CA LEU A 33 -16.60 -5.07 11.52
C LEU A 33 -15.76 -6.39 11.49
N ALA A 34 -16.43 -7.55 11.46
CA ALA A 34 -15.77 -8.82 11.22
C ALA A 34 -15.21 -8.92 9.81
N ALA A 35 -15.81 -8.21 8.86
CA ALA A 35 -15.26 -8.15 7.49
C ALA A 35 -14.32 -6.96 7.18
N LEU A 36 -14.06 -6.09 8.17
CA LEU A 36 -13.39 -4.80 7.89
C LEU A 36 -11.95 -4.79 8.37
N ILE A 37 -11.04 -4.34 7.48
CA ILE A 37 -9.63 -4.09 7.80
C ILE A 37 -9.22 -2.68 7.37
N VAL A 38 -8.85 -1.85 8.34
CA VAL A 38 -8.32 -0.54 8.09
C VAL A 38 -6.87 -0.49 8.56
N TYR A 39 -5.98 -0.16 7.62
CA TYR A 39 -4.58 0.00 7.89
C TYR A 39 -4.15 1.43 7.46
N TRP A 40 -3.49 2.15 8.37
CA TRP A 40 -2.90 3.46 8.09
C TRP A 40 -1.40 3.44 8.36
N GLU A 41 -0.64 4.10 7.49
CA GLU A 41 0.81 4.17 7.60
C GLU A 41 1.28 5.53 7.07
N MET A 42 2.41 5.98 7.58
CA MET A 42 3.03 7.18 7.06
C MET A 42 4.25 6.72 6.26
N GLU A 43 5.23 6.07 6.81
CA GLU A 43 6.18 5.56 5.84
C GLU A 43 5.82 4.33 4.96
N ASP A 44 5.87 3.03 5.29
CA ASP A 44 6.65 2.26 6.26
C ASP A 44 6.26 2.23 7.74
N LYS A 45 6.14 3.38 8.38
CA LYS A 45 5.71 3.47 9.79
C LYS A 45 4.18 3.26 9.96
N ASN A 46 3.81 2.19 10.67
CA ASN A 46 2.43 1.94 10.99
C ASN A 46 1.91 2.91 12.03
N ILE A 47 0.65 3.31 11.81
CA ILE A 47 -0.12 4.13 12.70
C ILE A 47 -1.41 3.41 13.16
N ILE A 48 -2.10 2.68 12.28
CA ILE A 48 -3.31 1.97 12.66
C ILE A 48 -3.29 0.63 12.00
N GLN A 49 -3.63 -0.42 12.76
CA GLN A 49 -3.87 -1.76 12.21
C GLN A 49 -5.13 -2.31 12.87
N PHE A 50 -6.27 -2.04 12.23
CA PHE A 50 -7.59 -2.28 12.81
C PHE A 50 -8.15 -3.46 12.07
N VAL A 51 -8.00 -4.64 12.68
CA VAL A 51 -8.47 -5.89 12.10
C VAL A 51 -9.58 -6.37 13.01
N HIS A 52 -10.72 -6.64 12.38
CA HIS A 52 -11.85 -7.27 13.04
C HIS A 52 -12.12 -6.65 14.39
N GLY A 53 -12.31 -5.33 14.35
CA GLY A 53 -12.92 -4.60 15.44
C GLY A 53 -12.00 -3.99 16.46
N GLU A 54 -10.71 -4.30 16.40
CA GLU A 54 -9.78 -3.69 17.37
C GLU A 54 -8.39 -3.37 16.77
N GLU A 55 -7.79 -2.31 17.33
CA GLU A 55 -6.38 -1.95 17.08
C GLU A 55 -5.41 -3.02 17.56
N ASP A 56 -4.27 -3.09 16.87
CA ASP A 56 -3.13 -3.84 17.34
C ASP A 56 -2.16 -2.73 17.68
N LEU A 57 -2.39 -2.16 18.85
CA LEU A 57 -1.54 -1.08 19.36
C LEU A 57 -0.09 -1.54 19.43
N LYS A 58 0.12 -2.80 19.82
CA LYS A 58 1.45 -3.47 19.85
C LYS A 58 2.47 -3.03 18.75
N VAL A 59 1.99 -2.91 17.51
CA VAL A 59 2.85 -2.77 16.33
C VAL A 59 2.99 -1.33 15.81
N GLN A 60 2.46 -0.37 16.56
CA GLN A 60 2.37 1.01 16.12
C GLN A 60 3.69 1.69 16.34
N HIS A 61 4.19 2.41 15.35
CA HIS A 61 5.46 3.15 15.48
C HIS A 61 5.41 4.09 16.66
N SER A 62 6.51 4.13 17.41
CA SER A 62 6.61 4.93 18.64
C SER A 62 6.19 6.39 18.41
N SER A 63 6.65 7.00 17.32
CA SER A 63 6.33 8.41 17.02
C SER A 63 4.83 8.74 16.92
N TYR A 64 3.98 7.74 16.79
CA TYR A 64 2.54 7.96 16.84
C TYR A 64 1.85 7.53 18.15
N ARG A 65 2.61 7.01 19.13
CA ARG A 65 2.07 6.63 20.44
C ARG A 65 1.19 7.72 21.06
N GLN A 66 -0.11 7.44 21.19
CA GLN A 66 -1.11 8.30 21.87
C GLN A 66 -1.41 9.68 21.28
N ARG A 67 -0.90 9.95 20.08
CA ARG A 67 -1.23 11.15 19.35
C ARG A 67 -2.11 10.88 18.15
N ALA A 68 -2.43 9.61 17.92
CA ALA A 68 -3.04 9.13 16.68
C ALA A 68 -4.15 8.18 17.02
N ARG A 69 -5.34 8.47 16.51
CA ARG A 69 -6.44 7.55 16.65
C ARG A 69 -7.35 7.61 15.47
N LEU A 70 -8.09 6.52 15.29
CA LEU A 70 -9.05 6.35 14.22
C LEU A 70 -10.40 6.52 14.86
N LEU A 71 -11.22 7.42 14.34
CA LEU A 71 -12.48 7.76 14.95
C LEU A 71 -13.51 6.66 14.58
N LYS A 72 -13.77 5.75 15.51
CA LYS A 72 -14.53 4.50 15.21
C LYS A 72 -16.02 4.71 14.93
N ASP A 73 -16.62 5.77 15.49
CA ASP A 73 -18.00 6.15 15.12
C ASP A 73 -18.10 6.53 13.65
N GLN A 74 -17.07 7.20 13.15
CA GLN A 74 -17.02 7.63 11.77
C GLN A 74 -16.95 6.49 10.77
N LEU A 75 -16.40 5.36 11.23
CA LEU A 75 -16.32 4.13 10.45
C LEU A 75 -17.68 3.67 9.93
N SER A 76 -18.69 3.68 10.82
CA SER A 76 -20.07 3.34 10.48
C SER A 76 -20.67 4.14 9.31
N LEU A 77 -20.18 5.38 9.11
CA LEU A 77 -20.51 6.21 7.91
C LEU A 77 -19.64 5.93 6.66
N GLY A 78 -18.67 5.03 6.80
CA GLY A 78 -17.79 4.66 5.71
C GLY A 78 -16.61 5.59 5.61
N ASN A 79 -16.20 6.11 6.75
CA ASN A 79 -15.17 7.13 6.85
C ASN A 79 -14.12 6.71 7.87
N ALA A 80 -13.06 6.10 7.35
CA ALA A 80 -11.86 5.81 8.10
C ALA A 80 -11.08 7.12 8.20
N ALA A 81 -11.17 7.77 9.36
CA ALA A 81 -10.60 9.08 9.59
C ALA A 81 -9.54 8.94 10.63
N LEU A 82 -8.32 9.37 10.30
CA LEU A 82 -7.19 9.30 11.23
C LEU A 82 -7.01 10.70 11.73
N GLN A 83 -6.97 10.82 13.03
CA GLN A 83 -6.76 12.10 13.65
C GLN A 83 -5.43 12.02 14.30
N ILE A 84 -4.65 13.06 14.07
CA ILE A 84 -3.36 13.20 14.67
C ILE A 84 -3.41 14.51 15.38
N THR A 85 -2.87 14.50 16.60
CA THR A 85 -2.92 15.59 17.50
C THR A 85 -1.49 16.08 17.65
N ASP A 86 -1.34 17.39 17.90
CA ASP A 86 -0.02 18.00 18.15
C ASP A 86 0.95 17.76 16.99
N VAL A 87 0.62 18.33 15.84
CA VAL A 87 1.35 18.05 14.60
C VAL A 87 2.80 18.57 14.66
N LYS A 88 3.72 17.69 14.28
CA LYS A 88 5.16 17.92 14.27
C LYS A 88 5.58 18.03 12.81
N LEU A 89 6.80 18.51 12.60
CA LEU A 89 7.41 18.60 11.26
C LEU A 89 7.70 17.23 10.67
N GLN A 90 8.08 16.31 11.55
CA GLN A 90 8.29 14.89 11.25
C GLN A 90 7.04 14.15 10.72
N ASP A 91 5.86 14.68 10.96
CA ASP A 91 4.63 14.10 10.43
C ASP A 91 4.34 14.46 8.99
N ALA A 92 5.15 15.33 8.39
CA ALA A 92 5.00 15.72 6.98
C ALA A 92 5.47 14.62 6.08
N GLY A 93 4.72 14.40 5.01
CA GLY A 93 5.06 13.44 3.96
C GLY A 93 3.84 12.64 3.56
N VAL A 94 4.08 11.47 2.98
CA VAL A 94 3.01 10.63 2.37
C VAL A 94 2.31 9.61 3.27
N TYR A 95 0.99 9.75 3.42
CA TYR A 95 0.25 8.76 4.16
C TYR A 95 -0.52 7.83 3.25
N ARG A 96 -0.81 6.65 3.76
CA ARG A 96 -1.60 5.68 3.04
C ARG A 96 -2.64 5.03 3.93
N CYS A 97 -3.88 5.00 3.42
CA CYS A 97 -4.97 4.31 4.07
C CYS A 97 -5.33 3.18 3.17
N MET A 98 -5.46 2.00 3.76
CA MET A 98 -5.72 0.79 3.04
C MET A 98 -6.91 0.22 3.76
N ILE A 99 -7.93 -0.07 3.00
CA ILE A 99 -9.16 -0.58 3.55
C ILE A 99 -9.62 -1.80 2.75
N SER A 100 -10.10 -2.82 3.46
CA SER A 100 -10.68 -4.06 2.90
C SER A 100 -12.05 -4.27 3.55
N TYR A 101 -13.11 -4.27 2.75
CA TYR A 101 -14.47 -4.44 3.23
C TYR A 101 -15.25 -4.85 2.00
N GLY A 102 -15.28 -6.16 1.77
CA GLY A 102 -15.83 -6.72 0.56
C GLY A 102 -15.25 -6.09 -0.69
N GLY A 103 -13.94 -6.22 -0.82
CA GLY A 103 -13.16 -5.48 -1.81
C GLY A 103 -11.97 -4.89 -1.10
N ALA A 104 -11.03 -4.31 -1.86
CA ALA A 104 -9.81 -3.74 -1.29
C ALA A 104 -9.28 -2.66 -2.18
N ASP A 105 -8.87 -1.55 -1.57
CA ASP A 105 -8.22 -0.47 -2.31
C ASP A 105 -7.46 0.38 -1.33
N TYR A 106 -6.64 1.29 -1.85
CA TYR A 106 -5.96 2.22 -0.97
C TYR A 106 -5.84 3.53 -1.69
N LYS A 107 -5.59 4.57 -0.92
CA LYS A 107 -5.28 5.87 -1.42
C LYS A 107 -4.15 6.54 -0.64
N ARG A 108 -3.49 7.46 -1.33
CA ARG A 108 -2.31 8.17 -0.87
C ARG A 108 -2.70 9.59 -0.46
N ILE A 109 -2.25 10.07 0.69
CA ILE A 109 -2.47 11.47 1.09
C ILE A 109 -1.14 12.11 1.47
N THR A 110 -0.89 13.32 0.97
CA THR A 110 0.36 14.08 1.24
C THR A 110 0.04 15.14 2.26
N VAL A 111 0.84 15.22 3.31
CA VAL A 111 0.69 16.22 4.35
C VAL A 111 1.93 17.14 4.35
N LYS A 112 1.68 18.45 4.20
CA LYS A 112 2.67 19.52 4.37
C LYS A 112 2.51 20.24 5.72
N VAL A 113 3.61 20.47 6.41
CA VAL A 113 3.60 21.15 7.67
C VAL A 113 4.30 22.50 7.47
N ASN A 114 3.53 23.60 7.56
CA ASN A 114 4.11 24.94 7.71
C ASN A 114 4.44 25.12 9.17
N ALA A 115 5.56 25.78 9.43
CA ALA A 115 6.04 26.03 10.76
C ALA A 115 6.66 27.42 10.80
N PRO A 116 6.51 28.14 11.93
CA PRO A 116 7.27 29.38 12.10
C PRO A 116 8.76 29.07 12.26
N TYR A 117 9.58 30.12 12.16
CA TYR A 117 11.04 29.99 12.28
C TYR A 117 11.43 29.27 13.57
N ALA A 118 10.93 29.75 14.70
CA ALA A 118 11.27 29.18 16.02
C ALA A 118 11.17 27.65 16.06
N ALA A 119 10.07 27.12 15.51
CA ALA A 119 9.79 25.67 15.55
C ALA A 119 10.78 24.85 14.72
N ALA A 120 10.94 25.23 13.46
CA ALA A 120 11.97 24.64 12.59
C ALA A 120 13.33 24.98 13.19
N LEU A 121 14.05 23.99 13.72
CA LEU A 121 15.42 24.18 14.20
C LEU A 121 16.02 22.84 14.61
N GLU A 122 17.20 22.58 14.02
CA GLU A 122 17.92 21.31 14.02
C GLU A 122 19.11 21.43 14.97
N ALA B 1 -3.55 -16.24 11.28
CA ALA B 1 -3.57 -14.82 10.77
C ALA B 1 -3.14 -14.77 9.30
N PHE B 2 -3.77 -13.88 8.52
CA PHE B 2 -3.44 -13.80 7.10
C PHE B 2 -2.06 -13.13 6.96
N THR B 3 -1.15 -13.78 6.22
CA THR B 3 0.18 -13.22 5.96
C THR B 3 0.66 -13.49 4.54
N VAL B 4 1.20 -12.44 3.94
CA VAL B 4 1.87 -12.52 2.67
C VAL B 4 3.33 -12.81 3.02
N THR B 5 3.94 -13.67 2.24
CA THR B 5 5.32 -13.98 2.49
C THR B 5 6.15 -13.90 1.20
N VAL B 6 7.37 -13.43 1.39
CA VAL B 6 8.36 -13.25 0.35
C VAL B 6 9.53 -14.13 0.71
N PRO B 7 9.89 -15.11 -0.18
CA PRO B 7 11.15 -15.83 0.02
C PRO B 7 12.38 -14.90 0.10
N LYS B 8 12.49 -14.00 -0.87
CA LYS B 8 13.60 -13.06 -0.98
C LYS B 8 13.01 -11.66 -0.92
N ASP B 9 13.49 -10.88 0.04
CA ASP B 9 13.14 -9.47 0.10
C ASP B 9 14.26 -8.56 -0.50
N LEU B 10 15.22 -9.18 -1.19
CA LEU B 10 16.24 -8.50 -1.99
C LEU B 10 16.43 -9.30 -3.29
N TYR B 11 16.43 -8.60 -4.42
CA TYR B 11 16.82 -9.16 -5.72
C TYR B 11 17.92 -8.33 -6.35
N VAL B 12 18.84 -8.97 -7.07
CA VAL B 12 19.85 -8.27 -7.84
C VAL B 12 19.77 -8.78 -9.28
N VAL B 13 19.66 -7.87 -10.23
CA VAL B 13 19.33 -8.21 -11.58
C VAL B 13 20.17 -7.39 -12.54
N GLU B 14 20.37 -7.95 -13.73
CA GLU B 14 21.24 -7.38 -14.73
C GLU B 14 20.37 -6.70 -15.75
N TYR B 15 20.75 -5.46 -16.04
CA TYR B 15 20.05 -4.66 -17.06
C TYR B 15 19.76 -5.51 -18.32
N GLY B 16 18.58 -5.38 -18.88
CA GLY B 16 18.21 -6.11 -20.08
C GLY B 16 17.62 -7.50 -19.88
N SER B 17 17.82 -8.13 -18.70
CA SER B 17 17.29 -9.45 -18.45
C SER B 17 15.83 -9.38 -18.01
N ASN B 18 15.24 -10.54 -17.81
CA ASN B 18 13.92 -10.62 -17.20
C ASN B 18 14.12 -11.01 -15.73
N MET B 19 13.13 -10.67 -14.91
CA MET B 19 13.12 -11.03 -13.50
C MET B 19 11.69 -11.37 -13.06
N THR B 20 11.62 -12.36 -12.19
CA THR B 20 10.39 -12.85 -11.61
C THR B 20 10.52 -12.68 -10.12
N ILE B 21 9.56 -12.01 -9.53
CA ILE B 21 9.66 -11.60 -8.15
C ILE B 21 8.53 -12.22 -7.38
N GLU B 22 8.91 -13.06 -6.41
CA GLU B 22 8.01 -14.04 -5.84
C GLU B 22 7.27 -13.45 -4.62
N CYS B 23 6.02 -13.87 -4.48
CA CYS B 23 5.14 -13.42 -3.41
C CYS B 23 4.07 -14.48 -3.28
N LYS B 24 3.79 -14.89 -2.03
CA LYS B 24 2.93 -16.04 -1.77
C LYS B 24 1.92 -15.74 -0.68
N PHE B 25 0.73 -16.28 -0.85
CA PHE B 25 -0.35 -16.15 0.12
C PHE B 25 -0.98 -17.56 0.28
N PRO B 26 -1.70 -17.82 1.40
CA PRO B 26 -2.28 -19.17 1.61
C PRO B 26 -3.63 -19.39 0.93
N VAL B 27 -3.83 -20.52 0.26
CA VAL B 27 -5.20 -20.86 -0.21
C VAL B 27 -5.79 -22.04 0.60
N GLU B 28 -7.11 -22.04 0.77
CA GLU B 28 -7.83 -23.08 1.50
C GLU B 28 -7.93 -24.35 0.62
N LYS B 29 -9.14 -24.88 0.41
CA LYS B 29 -9.36 -25.98 -0.54
C LYS B 29 -9.47 -25.42 -1.97
N GLN B 30 -10.32 -24.42 -2.12
CA GLN B 30 -10.60 -23.79 -3.40
C GLN B 30 -10.22 -22.30 -3.35
N LEU B 31 -9.72 -21.78 -4.47
CA LEU B 31 -9.52 -20.35 -4.66
C LEU B 31 -10.83 -19.67 -5.07
N ASP B 32 -11.35 -18.79 -4.22
CA ASP B 32 -12.43 -17.92 -4.65
C ASP B 32 -11.82 -16.67 -5.32
N LEU B 33 -11.81 -16.72 -6.65
CA LEU B 33 -11.32 -15.61 -7.46
C LEU B 33 -11.93 -14.25 -7.10
N ALA B 34 -13.23 -14.26 -6.85
CA ALA B 34 -13.98 -13.08 -6.54
C ALA B 34 -13.55 -12.34 -5.26
N ALA B 35 -12.92 -13.03 -4.32
CA ALA B 35 -12.43 -12.41 -3.07
C ALA B 35 -10.92 -12.12 -3.08
N LEU B 36 -10.23 -12.33 -4.21
CA LEU B 36 -8.81 -12.06 -4.30
C LEU B 36 -8.54 -10.74 -5.00
N ILE B 37 -7.88 -9.84 -4.29
CA ILE B 37 -7.22 -8.69 -4.91
C ILE B 37 -5.70 -8.78 -4.74
N VAL B 38 -4.98 -8.57 -5.84
CA VAL B 38 -3.53 -8.39 -5.81
C VAL B 38 -3.15 -7.03 -6.45
N TYR B 39 -2.47 -6.14 -5.71
CA TYR B 39 -1.80 -4.93 -6.28
C TYR B 39 -0.26 -5.11 -6.19
N TRP B 40 0.43 -4.86 -7.28
CA TRP B 40 1.90 -4.72 -7.28
C TRP B 40 2.19 -3.33 -7.66
N GLU B 41 3.15 -2.75 -6.98
CA GLU B 41 3.54 -1.40 -7.30
C GLU B 41 4.93 -1.12 -6.80
N MET B 42 5.53 -0.05 -7.32
CA MET B 42 6.83 0.31 -6.86
C MET B 42 6.88 1.79 -6.71
N GLU B 43 7.28 2.22 -5.53
CA GLU B 43 7.38 3.62 -5.19
C GLU B 43 6.15 4.34 -5.66
N ASP B 44 4.99 3.77 -5.29
CA ASP B 44 3.67 4.36 -5.51
C ASP B 44 3.29 4.50 -6.96
N LYS B 45 3.90 3.69 -7.82
CA LYS B 45 3.47 3.58 -9.19
C LYS B 45 2.86 2.21 -9.39
N ASN B 46 1.64 2.15 -9.90
CA ASN B 46 1.01 0.86 -10.05
C ASN B 46 1.68 0.11 -11.19
N ILE B 47 1.99 -1.15 -10.92
CA ILE B 47 2.52 -2.01 -11.93
C ILE B 47 1.40 -2.90 -12.40
N ILE B 48 0.63 -3.46 -11.45
CA ILE B 48 -0.42 -4.40 -11.84
C ILE B 48 -1.51 -4.54 -10.81
N GLN B 49 -2.73 -4.72 -11.29
CA GLN B 49 -3.86 -4.94 -10.43
C GLN B 49 -4.53 -6.21 -10.90
N PHE B 50 -4.86 -7.08 -9.95
CA PHE B 50 -5.60 -8.31 -10.22
C PHE B 50 -6.84 -8.27 -9.33
N VAL B 51 -7.97 -7.96 -9.95
CA VAL B 51 -9.17 -7.73 -9.17
C VAL B 51 -10.25 -8.51 -9.87
N HIS B 52 -11.15 -9.08 -9.06
CA HIS B 52 -12.02 -10.13 -9.53
C HIS B 52 -11.05 -11.26 -9.97
N GLY B 53 -11.22 -11.74 -11.20
CA GLY B 53 -10.33 -12.73 -11.75
C GLY B 53 -9.68 -12.24 -12.99
N GLU B 54 -9.35 -10.93 -13.06
CA GLU B 54 -8.75 -10.35 -14.27
C GLU B 54 -7.59 -9.41 -13.92
N GLU B 55 -6.52 -9.50 -14.72
CA GLU B 55 -5.46 -8.50 -14.73
C GLU B 55 -6.11 -7.20 -15.16
N ASP B 56 -5.96 -6.17 -14.34
CA ASP B 56 -6.55 -4.90 -14.59
C ASP B 56 -5.45 -3.81 -14.71
N LEU B 57 -5.24 -3.32 -15.93
CA LEU B 57 -4.17 -2.37 -16.26
C LEU B 57 -4.57 -0.88 -16.22
N LYS B 58 -5.70 -0.56 -15.60
CA LYS B 58 -6.33 0.77 -15.68
C LYS B 58 -5.49 1.92 -15.16
N VAL B 59 -4.88 1.72 -13.98
CA VAL B 59 -3.94 2.70 -13.37
C VAL B 59 -2.46 2.37 -13.65
N GLN B 60 -2.17 1.43 -14.55
CA GLN B 60 -0.77 1.10 -14.79
C GLN B 60 0.12 2.28 -15.22
N HIS B 61 1.18 2.53 -14.47
CA HIS B 61 2.17 3.52 -14.85
C HIS B 61 2.82 3.13 -16.18
N SER B 62 2.89 4.10 -17.11
CA SER B 62 3.45 3.93 -18.47
C SER B 62 4.83 3.27 -18.50
N SER B 63 5.68 3.61 -17.53
CA SER B 63 6.98 2.91 -17.36
C SER B 63 6.90 1.40 -17.47
N TYR B 64 5.80 0.82 -16.98
CA TYR B 64 5.65 -0.65 -16.99
C TYR B 64 4.87 -1.19 -18.17
N ARG B 65 4.53 -0.33 -19.14
CA ARG B 65 3.65 -0.70 -20.25
C ARG B 65 4.25 -1.88 -20.99
N GLN B 66 3.48 -2.96 -21.12
CA GLN B 66 3.82 -4.16 -21.91
C GLN B 66 5.05 -5.01 -21.44
N ARG B 67 5.51 -4.80 -20.21
CA ARG B 67 6.68 -5.45 -19.63
C ARG B 67 6.32 -6.25 -18.35
N ALA B 68 5.05 -6.23 -17.92
CA ALA B 68 4.62 -6.81 -16.63
C ALA B 68 3.46 -7.81 -16.80
N ARG B 69 3.59 -8.99 -16.19
CA ARG B 69 2.58 -10.03 -16.19
C ARG B 69 2.56 -10.71 -14.81
N LEU B 70 1.36 -11.06 -14.37
CA LEU B 70 1.14 -11.96 -13.27
C LEU B 70 0.36 -13.16 -13.87
N LEU B 71 0.76 -14.39 -13.55
CA LEU B 71 0.14 -15.60 -14.12
C LEU B 71 -1.13 -16.02 -13.35
N LYS B 72 -2.28 -15.84 -14.01
CA LYS B 72 -3.57 -16.31 -13.54
C LYS B 72 -3.49 -17.76 -13.10
N ASP B 73 -3.03 -18.61 -14.02
CA ASP B 73 -2.72 -20.04 -13.78
C ASP B 73 -2.31 -20.37 -12.34
N GLN B 74 -1.29 -19.66 -11.87
CA GLN B 74 -0.57 -20.00 -10.63
C GLN B 74 -1.20 -19.48 -9.36
N LEU B 75 -2.24 -18.65 -9.50
CA LEU B 75 -2.90 -18.07 -8.32
C LEU B 75 -3.49 -19.15 -7.41
N SER B 76 -4.10 -20.18 -8.03
CA SER B 76 -4.56 -21.42 -7.36
C SER B 76 -3.63 -22.00 -6.31
N LEU B 77 -2.34 -21.97 -6.61
CA LEU B 77 -1.30 -22.53 -5.74
C LEU B 77 -0.76 -21.53 -4.73
N GLY B 78 -1.45 -20.39 -4.55
CA GLY B 78 -1.01 -19.35 -3.63
C GLY B 78 0.18 -18.55 -4.15
N ASN B 79 0.46 -18.59 -5.45
CA ASN B 79 1.61 -17.88 -6.01
C ASN B 79 1.22 -16.61 -6.80
N ALA B 80 1.63 -15.46 -6.28
CA ALA B 80 1.24 -14.14 -6.81
C ALA B 80 2.42 -13.38 -7.45
N ALA B 81 3.34 -14.13 -8.05
CA ALA B 81 4.58 -13.58 -8.54
C ALA B 81 4.41 -12.59 -9.70
N LEU B 82 5.27 -11.58 -9.70
CA LEU B 82 5.29 -10.60 -10.77
C LEU B 82 6.46 -10.91 -11.67
N GLN B 83 6.21 -10.85 -12.98
CA GLN B 83 7.15 -11.11 -14.02
C GLN B 83 7.41 -9.79 -14.71
N ILE B 84 8.65 -9.29 -14.55
CA ILE B 84 9.14 -8.14 -15.31
C ILE B 84 10.13 -8.63 -16.36
N THR B 85 9.98 -8.13 -17.58
CA THR B 85 10.84 -8.49 -18.68
C THR B 85 11.61 -7.24 -19.03
N ASP B 86 12.82 -7.46 -19.56
CA ASP B 86 13.68 -6.41 -20.10
C ASP B 86 13.91 -5.33 -19.03
N VAL B 87 14.63 -5.72 -18.01
CA VAL B 87 14.81 -4.87 -16.85
C VAL B 87 15.63 -3.61 -17.18
N LYS B 88 15.09 -2.45 -16.78
CA LYS B 88 15.75 -1.15 -16.91
C LYS B 88 16.37 -0.72 -15.58
N LEU B 89 17.30 0.22 -15.65
CA LEU B 89 17.82 0.87 -14.43
C LEU B 89 16.73 1.54 -13.59
N GLN B 90 15.64 1.96 -14.22
CA GLN B 90 14.56 2.69 -13.55
C GLN B 90 13.63 1.75 -12.81
N ASP B 91 13.80 0.44 -13.02
CA ASP B 91 13.08 -0.57 -12.23
C ASP B 91 13.63 -0.81 -10.82
N ALA B 92 14.74 -0.18 -10.46
CA ALA B 92 15.34 -0.41 -9.17
C ALA B 92 14.56 0.38 -8.16
N GLY B 93 14.39 -0.20 -6.98
CA GLY B 93 13.74 0.42 -5.82
C GLY B 93 12.91 -0.57 -5.03
N VAL B 94 11.94 -0.06 -4.29
CA VAL B 94 11.12 -0.83 -3.37
C VAL B 94 9.74 -1.13 -3.97
N TYR B 95 9.49 -2.42 -4.10
CA TYR B 95 8.26 -2.98 -4.63
C TYR B 95 7.39 -3.39 -3.46
N ARG B 96 6.08 -3.38 -3.67
CA ARG B 96 5.11 -3.85 -2.68
C ARG B 96 4.15 -4.81 -3.32
N CYS B 97 3.95 -5.97 -2.68
CA CYS B 97 2.95 -6.98 -3.07
C CYS B 97 1.90 -6.83 -1.99
N MET B 98 0.67 -6.46 -2.37
CA MET B 98 -0.42 -6.17 -1.47
C MET B 98 -1.54 -7.16 -1.81
N ILE B 99 -2.09 -7.87 -0.82
CA ILE B 99 -3.05 -8.92 -1.07
C ILE B 99 -4.15 -8.94 -0.07
N SER B 100 -5.37 -8.88 -0.57
CA SER B 100 -6.56 -9.09 0.21
C SER B 100 -7.11 -10.44 -0.26
N TYR B 101 -7.29 -11.33 0.70
CA TYR B 101 -7.98 -12.60 0.46
C TYR B 101 -8.48 -13.17 1.78
N GLY B 102 -9.69 -12.81 2.17
CA GLY B 102 -10.16 -13.00 3.54
C GLY B 102 -9.51 -11.91 4.36
N GLY B 103 -8.25 -12.13 4.69
CA GLY B 103 -7.45 -11.10 5.36
C GLY B 103 -6.66 -10.30 4.35
N ALA B 104 -5.74 -9.51 4.86
CA ALA B 104 -5.05 -8.46 4.09
C ALA B 104 -3.67 -8.24 4.64
N ASP B 105 -2.69 -8.16 3.74
CA ASP B 105 -1.29 -7.98 4.11
C ASP B 105 -0.55 -7.44 2.88
N TYR B 106 0.66 -6.90 3.10
CA TYR B 106 1.61 -6.59 2.02
C TYR B 106 3.01 -6.70 2.57
N LYS B 107 3.96 -6.99 1.66
CA LYS B 107 5.37 -7.08 1.96
C LYS B 107 6.19 -6.33 0.91
N ARG B 108 7.36 -5.88 1.35
CA ARG B 108 8.29 -5.09 0.54
C ARG B 108 9.41 -5.93 0.03
N ILE B 109 9.86 -5.58 -1.17
CA ILE B 109 11.03 -6.19 -1.81
C ILE B 109 11.87 -5.09 -2.46
N THR B 110 13.14 -5.06 -2.08
CA THR B 110 14.11 -4.19 -2.71
C THR B 110 14.70 -4.84 -3.99
N VAL B 111 14.69 -4.10 -5.10
CA VAL B 111 15.35 -4.53 -6.32
C VAL B 111 16.50 -3.58 -6.66
N LYS B 112 17.71 -4.15 -6.76
CA LYS B 112 18.93 -3.51 -7.28
C LYS B 112 19.19 -3.92 -8.72
N VAL B 113 19.53 -2.95 -9.57
CA VAL B 113 19.81 -3.24 -10.97
C VAL B 113 21.29 -2.92 -11.29
N ASN B 114 22.07 -3.94 -11.68
CA ASN B 114 23.40 -3.73 -12.26
C ASN B 114 23.37 -3.48 -13.79
N ALA B 115 24.20 -2.54 -14.23
CA ALA B 115 24.26 -2.22 -15.63
C ALA B 115 25.67 -1.86 -16.09
N PRO B 116 25.94 -2.03 -17.39
CA PRO B 116 27.22 -1.56 -17.91
C PRO B 116 27.13 -0.08 -18.29
N TYR B 117 28.31 0.51 -18.40
CA TYR B 117 28.51 1.93 -18.59
C TYR B 117 27.65 2.58 -19.71
N ALA B 118 27.43 1.87 -20.82
CA ALA B 118 26.72 2.47 -21.97
C ALA B 118 25.31 2.78 -21.54
N ALA B 119 24.67 1.74 -20.98
CA ALA B 119 23.30 1.82 -20.43
C ALA B 119 23.21 2.79 -19.24
N ALA B 120 24.16 2.70 -18.31
CA ALA B 120 24.24 3.63 -17.19
C ALA B 120 24.30 5.05 -17.70
N LEU B 121 25.07 5.25 -18.77
CA LEU B 121 25.18 6.55 -19.43
C LEU B 121 23.89 6.92 -20.20
N GLU B 122 22.72 6.40 -19.79
CA GLU B 122 21.41 6.99 -20.17
C GLU B 122 21.49 8.48 -20.44
N HIS B 123 22.26 9.28 -19.66
CA HIS B 123 22.35 9.31 -18.16
C HIS B 123 21.74 10.55 -17.49
N HIS B 124 21.52 11.69 -18.16
CA HIS B 124 21.51 11.93 -19.62
C HIS B 124 22.81 12.59 -20.05
#